data_3DHN
#
_entry.id   3DHN
#
_cell.length_a   51.339
_cell.length_b   54.007
_cell.length_c   93.451
_cell.angle_alpha   90.00
_cell.angle_beta   90.00
_cell.angle_gamma   90.00
#
_symmetry.space_group_name_H-M   'P 21 21 21'
#
loop_
_entity.id
_entity.type
_entity.pdbx_description
1 polymer 'NAD-dependent epimerase/dehydratase'
2 water water
#
_entity_poly.entity_id   1
_entity_poly.type   'polypeptide(L)'
_entity_poly.pdbx_seq_one_letter_code
;(MSE)EKVKKIVLIGASGFVGSALLNEALNRGFEVTAVVRHPEKIKIENEHLKVKKADVSSLDEVCEVCKGADAVISAFN
PGWNNPDIYDETIKVYLTIIDGVKKAGVNRFL(MSE)VGGAGSLFIAPGLRL(MSE)DSGEVPENILPGVKALGEFYLNF
L(MSE)KEKEIDWVFFSPAAD(MSE)RPGVRTGRYRLGKDD(MSE)IVDIVGNSHISVEDYAAA(MSE)IDELEHPKHHQ
ERFTIGYLEHHHHHH
;
_entity_poly.pdbx_strand_id   A
#
# COMPACT_ATOMS: atom_id res chain seq x y z
N LYS A 3 7.81 13.13 -15.60
CA LYS A 3 8.08 12.34 -14.37
C LYS A 3 7.04 12.64 -13.30
N VAL A 4 6.97 11.77 -12.29
CA VAL A 4 6.03 11.96 -11.21
C VAL A 4 6.57 12.97 -10.21
N LYS A 5 5.78 13.99 -9.91
CA LYS A 5 6.19 15.02 -8.96
C LYS A 5 5.15 15.23 -7.85
N LYS A 6 3.89 15.39 -8.24
CA LYS A 6 2.83 15.60 -7.26
C LYS A 6 2.03 14.33 -6.99
N ILE A 7 1.89 13.99 -5.71
CA ILE A 7 1.17 12.79 -5.32
C ILE A 7 0.27 12.99 -4.11
N VAL A 8 -0.71 12.09 -3.98
CA VAL A 8 -1.62 12.11 -2.86
C VAL A 8 -1.41 10.79 -2.12
N LEU A 9 -1.32 10.87 -0.79
CA LEU A 9 -1.13 9.68 0.03
C LEU A 9 -2.36 9.54 0.91
N ILE A 10 -3.20 8.57 0.62
CA ILE A 10 -4.42 8.33 1.40
C ILE A 10 -4.14 7.39 2.58
N GLY A 11 -4.44 7.87 3.78
CA GLY A 11 -4.22 7.08 4.97
C GLY A 11 -2.76 7.22 5.38
N ALA A 12 -2.28 8.45 5.37
CA ALA A 12 -0.89 8.74 5.74
C ALA A 12 -0.66 8.69 7.24
N SER A 13 -1.16 7.64 7.88
CA SER A 13 -1.02 7.47 9.32
C SER A 13 -0.64 6.01 9.65
N GLY A 14 -0.33 5.74 10.91
CA GLY A 14 0.05 4.41 11.30
C GLY A 14 1.51 4.14 10.96
N PHE A 15 2.02 2.96 11.30
CA PHE A 15 3.41 2.65 10.98
C PHE A 15 3.68 2.78 9.47
N VAL A 16 2.86 2.12 8.65
CA VAL A 16 3.07 2.14 7.20
C VAL A 16 2.81 3.49 6.53
N GLY A 17 1.66 4.10 6.82
CA GLY A 17 1.34 5.40 6.23
C GLY A 17 2.36 6.47 6.56
N SER A 18 2.86 6.46 7.79
CA SER A 18 3.84 7.42 8.24
C SER A 18 5.18 7.16 7.55
N ALA A 19 5.55 5.88 7.44
CA ALA A 19 6.82 5.51 6.79
C ALA A 19 6.82 5.96 5.33
N LEU A 20 5.68 5.87 4.66
CA LEU A 20 5.55 6.27 3.26
C LEU A 20 5.61 7.80 3.13
N LEU A 21 5.00 8.49 4.09
CA LEU A 21 4.97 9.94 4.10
C LEU A 21 6.37 10.54 4.18
N ASN A 22 7.16 10.06 5.14
CA ASN A 22 8.53 10.54 5.33
C ASN A 22 9.46 10.17 4.19
N GLU A 23 9.34 8.94 3.69
CA GLU A 23 10.17 8.47 2.58
C GLU A 23 9.94 9.28 1.31
N ALA A 24 8.70 9.65 1.04
CA ALA A 24 8.38 10.43 -0.16
C ALA A 24 8.86 11.88 -0.07
N LEU A 25 8.72 12.50 1.09
CA LEU A 25 9.16 13.88 1.25
C LEU A 25 10.69 13.94 1.17
N ASN A 26 11.35 12.99 1.81
CA ASN A 26 12.81 12.94 1.80
C ASN A 26 13.40 12.79 0.40
N ARG A 27 12.57 12.37 -0.55
CA ARG A 27 13.07 12.17 -1.90
C ARG A 27 12.59 13.19 -2.92
N GLY A 28 12.11 14.33 -2.41
CA GLY A 28 11.70 15.42 -3.27
C GLY A 28 10.31 15.49 -3.83
N PHE A 29 9.39 14.67 -3.32
CA PHE A 29 8.03 14.69 -3.82
C PHE A 29 7.14 15.69 -3.08
N GLU A 30 6.19 16.26 -3.81
CA GLU A 30 5.25 17.20 -3.23
C GLU A 30 4.07 16.32 -2.84
N VAL A 31 3.78 16.26 -1.55
CA VAL A 31 2.74 15.36 -1.07
C VAL A 31 1.53 15.95 -0.39
N THR A 32 0.36 15.40 -0.71
CA THR A 32 -0.88 15.79 -0.07
C THR A 32 -1.29 14.57 0.75
N ALA A 33 -1.10 14.66 2.07
CA ALA A 33 -1.44 13.56 2.96
C ALA A 33 -2.86 13.69 3.44
N VAL A 34 -3.62 12.61 3.33
CA VAL A 34 -5.02 12.61 3.76
C VAL A 34 -5.15 11.69 4.96
N VAL A 35 -5.60 12.24 6.09
CA VAL A 35 -5.74 11.47 7.32
C VAL A 35 -7.00 11.85 8.09
N ARG A 36 -7.36 11.03 9.07
CA ARG A 36 -8.55 11.31 9.88
C ARG A 36 -8.23 12.30 11.00
N HIS A 37 -6.99 12.28 11.48
CA HIS A 37 -6.57 13.15 12.58
C HIS A 37 -5.29 13.93 12.22
N PRO A 38 -5.45 15.10 11.58
CA PRO A 38 -4.33 15.96 11.18
C PRO A 38 -3.43 16.35 12.35
N GLU A 39 -4.05 16.49 13.52
CA GLU A 39 -3.34 16.86 14.73
C GLU A 39 -2.15 15.95 15.05
N LYS A 40 -2.24 14.68 14.68
CA LYS A 40 -1.16 13.75 14.95
C LYS A 40 0.11 13.98 14.13
N ILE A 41 -0.02 14.72 13.04
CA ILE A 41 1.13 15.03 12.17
C ILE A 41 1.74 16.39 12.49
N LYS A 42 3.02 16.39 12.84
CA LYS A 42 3.73 17.62 13.17
C LYS A 42 4.88 17.87 12.20
N ILE A 43 4.86 17.22 11.05
CA ILE A 43 5.91 17.41 10.06
C ILE A 43 5.80 18.82 9.48
N GLU A 44 6.95 19.48 9.36
CA GLU A 44 7.02 20.83 8.84
C GLU A 44 7.84 20.80 7.55
N ASN A 45 7.18 21.08 6.43
CA ASN A 45 7.82 21.05 5.12
C ASN A 45 6.91 21.74 4.10
N GLU A 46 7.50 22.61 3.28
CA GLU A 46 6.71 23.35 2.30
C GLU A 46 6.14 22.50 1.17
N HIS A 47 6.61 21.26 1.04
CA HIS A 47 6.12 20.36 0.01
C HIS A 47 5.03 19.45 0.58
N LEU A 48 4.43 19.85 1.70
CA LEU A 48 3.41 19.03 2.34
C LEU A 48 2.09 19.73 2.65
N LYS A 49 0.99 19.07 2.29
CA LYS A 49 -0.35 19.57 2.57
C LYS A 49 -1.10 18.46 3.29
N VAL A 50 -1.76 18.80 4.40
CA VAL A 50 -2.51 17.82 5.18
C VAL A 50 -4.00 18.09 5.02
N LYS A 51 -4.75 17.06 4.65
CA LYS A 51 -6.19 17.23 4.44
C LYS A 51 -7.02 16.08 5.01
N LYS A 52 -8.28 16.39 5.32
CA LYS A 52 -9.24 15.41 5.82
C LYS A 52 -10.18 15.06 4.68
N ALA A 53 -10.54 13.80 4.56
CA ALA A 53 -11.46 13.36 3.52
C ALA A 53 -12.22 12.13 4.00
N ASP A 54 -13.45 11.99 3.52
CA ASP A 54 -14.26 10.84 3.89
C ASP A 54 -13.99 9.74 2.88
N VAL A 55 -12.97 8.93 3.15
CA VAL A 55 -12.58 7.85 2.25
C VAL A 55 -13.73 6.97 1.76
N SER A 56 -14.85 6.99 2.46
CA SER A 56 -16.01 6.19 2.07
C SER A 56 -16.90 6.94 1.08
N SER A 57 -16.57 8.21 0.83
CA SER A 57 -17.32 9.07 -0.09
C SER A 57 -16.61 9.21 -1.43
N LEU A 58 -17.25 8.72 -2.48
CA LEU A 58 -16.68 8.78 -3.83
C LEU A 58 -16.34 10.21 -4.23
N ASP A 59 -17.27 11.12 -4.00
CA ASP A 59 -17.05 12.53 -4.37
C ASP A 59 -15.90 13.17 -3.63
N GLU A 60 -15.69 12.79 -2.37
CA GLU A 60 -14.59 13.37 -1.60
C GLU A 60 -13.23 12.82 -2.05
N VAL A 61 -13.18 11.53 -2.36
CA VAL A 61 -11.93 10.92 -2.83
C VAL A 61 -11.56 11.52 -4.19
N CYS A 62 -12.56 11.68 -5.06
CA CYS A 62 -12.34 12.24 -6.39
C CYS A 62 -11.78 13.66 -6.33
N GLU A 63 -12.39 14.48 -5.49
CA GLU A 63 -12.01 15.88 -5.34
C GLU A 63 -10.58 16.14 -4.89
N VAL A 64 -10.12 15.41 -3.87
CA VAL A 64 -8.76 15.60 -3.35
C VAL A 64 -7.65 15.06 -4.25
N CYS A 65 -7.98 14.14 -5.15
CA CYS A 65 -6.98 13.56 -6.04
C CYS A 65 -6.81 14.30 -7.37
N LYS A 66 -7.71 15.24 -7.67
CA LYS A 66 -7.62 16.00 -8.91
C LYS A 66 -6.27 16.68 -9.07
N GLY A 67 -5.66 16.51 -10.25
CA GLY A 67 -4.38 17.15 -10.52
C GLY A 67 -3.14 16.36 -10.17
N ALA A 68 -3.29 15.34 -9.34
CA ALA A 68 -2.13 14.55 -8.94
C ALA A 68 -1.57 13.71 -10.08
N ASP A 69 -0.26 13.49 -10.04
CA ASP A 69 0.43 12.68 -11.04
C ASP A 69 0.20 11.20 -10.72
N ALA A 70 0.04 10.89 -9.44
CA ALA A 70 -0.21 9.52 -8.98
C ALA A 70 -0.78 9.53 -7.56
N VAL A 71 -1.44 8.43 -7.20
CA VAL A 71 -2.03 8.29 -5.87
C VAL A 71 -1.60 6.97 -5.24
N ILE A 72 -1.21 7.04 -3.97
CA ILE A 72 -0.83 5.86 -3.21
C ILE A 72 -1.82 5.79 -2.05
N SER A 73 -2.40 4.61 -1.84
CA SER A 73 -3.35 4.44 -0.75
C SER A 73 -2.86 3.42 0.28
N ALA A 74 -2.79 3.86 1.54
CA ALA A 74 -2.36 3.01 2.65
C ALA A 74 -3.54 2.80 3.63
N PHE A 75 -4.75 2.92 3.11
CA PHE A 75 -5.96 2.76 3.92
C PHE A 75 -6.09 1.40 4.61
N ASN A 76 -6.47 1.47 5.88
CA ASN A 76 -6.70 0.28 6.72
C ASN A 76 -7.60 0.73 7.86
N PRO A 77 -8.54 -0.13 8.29
CA PRO A 77 -8.82 -1.47 7.79
C PRO A 77 -10.20 -1.55 7.14
N ILE A 84 -17.39 -6.94 11.25
CA ILE A 84 -17.90 -7.28 9.92
C ILE A 84 -17.00 -6.71 8.83
N TYR A 85 -17.05 -7.33 7.65
CA TYR A 85 -16.22 -6.88 6.53
C TYR A 85 -16.78 -7.27 5.16
N ASP A 86 -17.64 -6.41 4.66
CA ASP A 86 -18.26 -6.50 3.34
C ASP A 86 -18.38 -5.00 3.10
N GLU A 87 -18.21 -4.28 4.21
CA GLU A 87 -18.21 -2.84 4.27
C GLU A 87 -16.81 -2.41 3.85
N THR A 88 -15.82 -3.16 4.32
CA THR A 88 -14.42 -2.87 4.00
C THR A 88 -14.20 -2.97 2.49
N ILE A 89 -14.53 -4.12 1.92
CA ILE A 89 -14.38 -4.34 0.48
C ILE A 89 -15.01 -3.16 -0.25
N LYS A 90 -16.16 -2.70 0.26
CA LYS A 90 -16.89 -1.59 -0.34
C LYS A 90 -16.07 -0.31 -0.35
N VAL A 91 -15.31 -0.08 0.72
CA VAL A 91 -14.49 1.12 0.81
C VAL A 91 -13.26 1.05 -0.10
N TYR A 92 -12.68 -0.14 -0.24
CA TYR A 92 -11.51 -0.31 -1.11
C TYR A 92 -11.92 0.10 -2.53
N LEU A 93 -13.14 -0.26 -2.91
CA LEU A 93 -13.68 0.06 -4.23
C LEU A 93 -13.90 1.55 -4.45
N THR A 94 -14.52 2.20 -3.47
CA THR A 94 -14.80 3.63 -3.55
C THR A 94 -13.52 4.43 -3.78
N ILE A 95 -12.43 4.00 -3.15
CA ILE A 95 -11.16 4.68 -3.31
C ILE A 95 -10.61 4.62 -4.73
N ILE A 96 -10.50 3.43 -5.29
CA ILE A 96 -9.96 3.30 -6.65
C ILE A 96 -10.87 3.94 -7.68
N ASP A 97 -12.18 3.87 -7.45
CA ASP A 97 -13.12 4.48 -8.38
C ASP A 97 -13.06 6.00 -8.23
N GLY A 98 -12.73 6.48 -7.04
CA GLY A 98 -12.63 7.91 -6.84
C GLY A 98 -11.39 8.41 -7.55
N VAL A 99 -10.34 7.61 -7.52
CA VAL A 99 -9.08 7.96 -8.17
C VAL A 99 -9.22 7.97 -9.70
N LYS A 100 -9.99 7.02 -10.23
CA LYS A 100 -10.20 6.96 -11.68
C LYS A 100 -11.05 8.14 -12.16
N LYS A 101 -12.09 8.47 -11.39
CA LYS A 101 -12.97 9.57 -11.77
C LYS A 101 -12.26 10.92 -11.73
N ALA A 102 -11.12 10.98 -11.05
CA ALA A 102 -10.35 12.21 -10.95
C ALA A 102 -9.42 12.38 -12.15
N GLY A 103 -9.23 11.31 -12.91
CA GLY A 103 -8.38 11.39 -14.08
C GLY A 103 -6.92 10.96 -13.93
N VAL A 104 -6.53 10.43 -12.78
CA VAL A 104 -5.14 10.01 -12.60
C VAL A 104 -4.94 8.63 -13.24
N ASN A 105 -3.76 8.45 -13.84
CA ASN A 105 -3.46 7.21 -14.54
C ASN A 105 -2.61 6.18 -13.78
N ARG A 106 -2.13 6.54 -12.60
CA ARG A 106 -1.29 5.65 -11.79
C ARG A 106 -1.76 5.56 -10.34
N PHE A 107 -2.04 4.33 -9.89
CA PHE A 107 -2.52 4.10 -8.53
C PHE A 107 -1.75 2.95 -7.88
N LEU A 108 -1.13 3.23 -6.73
CA LEU A 108 -0.39 2.20 -6.00
C LEU A 108 -1.08 1.93 -4.66
N VAL A 110 -1.25 -0.33 -0.88
CA VAL A 110 -0.59 -1.18 0.09
C VAL A 110 -1.45 -2.44 0.18
N GLY A 111 -0.88 -3.59 -0.16
CA GLY A 111 -1.64 -4.83 -0.12
C GLY A 111 -1.39 -5.63 1.15
N GLY A 112 -1.65 -6.93 1.09
CA GLY A 112 -1.46 -7.81 2.22
C GLY A 112 -0.72 -9.06 1.79
N ALA A 113 -0.46 -9.97 2.72
CA ALA A 113 0.25 -11.21 2.41
C ALA A 113 -0.70 -12.37 2.16
N GLY A 114 -1.96 -12.18 2.51
CA GLY A 114 -2.94 -13.24 2.35
C GLY A 114 -3.05 -13.89 0.98
N SER A 115 -2.96 -13.09 -0.09
CA SER A 115 -3.08 -13.64 -1.44
C SER A 115 -1.80 -14.24 -2.02
N LEU A 116 -0.71 -14.16 -1.27
CA LEU A 116 0.57 -14.70 -1.73
C LEU A 116 0.55 -16.22 -1.64
N PHE A 117 1.28 -16.88 -2.55
CA PHE A 117 1.35 -18.34 -2.54
C PHE A 117 2.45 -18.77 -1.56
N ILE A 118 2.19 -19.82 -0.80
CA ILE A 118 3.18 -20.35 0.14
C ILE A 118 3.57 -21.74 -0.37
N ALA A 119 2.78 -22.24 -1.31
CA ALA A 119 3.02 -23.53 -1.94
C ALA A 119 2.24 -23.49 -3.23
N PRO A 120 2.54 -24.42 -4.15
CA PRO A 120 1.79 -24.40 -5.41
C PRO A 120 0.28 -24.50 -5.17
N GLY A 121 -0.46 -23.58 -5.77
CA GLY A 121 -1.91 -23.56 -5.63
C GLY A 121 -2.47 -23.30 -4.25
N LEU A 122 -1.62 -22.91 -3.29
CA LEU A 122 -2.09 -22.63 -1.93
C LEU A 122 -1.72 -21.22 -1.47
N ARG A 123 -2.72 -20.39 -1.21
CA ARG A 123 -2.46 -19.04 -0.75
C ARG A 123 -2.45 -19.01 0.77
N LEU A 124 -1.71 -18.06 1.36
CA LEU A 124 -1.58 -17.95 2.81
C LEU A 124 -2.91 -17.86 3.55
N ASP A 126 -5.79 -19.30 2.93
CA ASP A 126 -6.42 -20.61 3.01
C ASP A 126 -5.57 -21.70 3.64
N SER A 127 -4.42 -21.34 4.20
CA SER A 127 -3.53 -22.34 4.78
C SER A 127 -3.70 -22.63 6.27
N GLY A 128 -4.24 -21.67 7.01
CA GLY A 128 -4.42 -21.85 8.44
C GLY A 128 -3.25 -21.28 9.21
N GLU A 129 -2.29 -20.68 8.50
CA GLU A 129 -1.13 -20.09 9.13
C GLU A 129 -1.41 -18.67 9.65
N VAL A 130 -2.56 -18.11 9.32
CA VAL A 130 -2.92 -16.77 9.75
C VAL A 130 -3.57 -16.80 11.14
N PRO A 131 -3.14 -15.91 12.04
CA PRO A 131 -3.68 -15.84 13.40
C PRO A 131 -5.19 -15.64 13.34
N GLU A 132 -5.93 -16.44 14.10
CA GLU A 132 -7.39 -16.35 14.09
C GLU A 132 -7.92 -14.93 14.24
N ASN A 133 -7.32 -14.16 15.13
CA ASN A 133 -7.80 -12.81 15.40
C ASN A 133 -7.77 -11.80 14.25
N ILE A 134 -6.99 -12.04 13.21
CA ILE A 134 -6.94 -11.09 12.09
C ILE A 134 -7.36 -11.66 10.73
N LEU A 135 -7.77 -12.93 10.72
CA LEU A 135 -8.17 -13.60 9.48
C LEU A 135 -9.24 -12.84 8.67
N PRO A 136 -10.29 -12.34 9.34
CA PRO A 136 -11.36 -11.60 8.64
C PRO A 136 -10.83 -10.47 7.74
N GLY A 137 -9.96 -9.64 8.29
CA GLY A 137 -9.41 -8.54 7.52
C GLY A 137 -8.47 -9.00 6.42
N VAL A 138 -7.71 -10.05 6.71
CA VAL A 138 -6.77 -10.58 5.73
C VAL A 138 -7.53 -11.10 4.51
N LYS A 139 -8.64 -11.79 4.75
CA LYS A 139 -9.45 -12.35 3.68
C LYS A 139 -10.06 -11.28 2.78
N ALA A 140 -10.53 -10.21 3.40
CA ALA A 140 -11.17 -9.11 2.68
C ALA A 140 -10.19 -8.40 1.76
N LEU A 141 -8.97 -8.19 2.23
CA LEU A 141 -7.97 -7.52 1.43
C LEU A 141 -7.56 -8.42 0.27
N GLY A 142 -7.44 -9.70 0.55
CA GLY A 142 -7.05 -10.65 -0.49
C GLY A 142 -8.13 -10.80 -1.53
N GLU A 143 -9.39 -10.72 -1.09
CA GLU A 143 -10.52 -10.87 -1.99
C GLU A 143 -10.68 -9.66 -2.90
N PHE A 144 -10.33 -8.48 -2.41
CA PHE A 144 -10.43 -7.28 -3.22
C PHE A 144 -9.51 -7.40 -4.44
N TYR A 145 -8.27 -7.80 -4.20
CA TYR A 145 -7.28 -7.96 -5.27
C TYR A 145 -7.73 -9.02 -6.26
N LEU A 146 -8.02 -10.21 -5.73
CA LEU A 146 -8.43 -11.35 -6.54
C LEU A 146 -9.71 -11.18 -7.34
N ASN A 147 -10.73 -10.58 -6.73
CA ASN A 147 -12.02 -10.44 -7.42
C ASN A 147 -12.32 -9.08 -8.03
N PHE A 148 -11.50 -8.08 -7.76
CA PHE A 148 -11.73 -6.76 -8.33
C PHE A 148 -10.52 -6.20 -9.08
N LEU A 149 -9.38 -6.12 -8.41
CA LEU A 149 -8.19 -5.58 -9.06
C LEU A 149 -7.77 -6.37 -10.30
N LYS A 151 -9.38 -7.59 -12.55
CA LYS A 151 -10.18 -7.33 -13.74
C LYS A 151 -10.13 -5.88 -14.19
N GLU A 152 -9.46 -5.04 -13.41
CA GLU A 152 -9.35 -3.61 -13.72
C GLU A 152 -8.35 -3.32 -14.85
N LYS A 153 -8.80 -2.58 -15.85
CA LYS A 153 -7.92 -2.24 -16.97
C LYS A 153 -7.95 -0.76 -17.28
N GLU A 154 -8.78 0.00 -16.56
CA GLU A 154 -8.89 1.42 -16.83
C GLU A 154 -7.97 2.33 -16.03
N ILE A 155 -6.95 1.75 -15.41
CA ILE A 155 -5.95 2.52 -14.69
C ILE A 155 -4.71 1.66 -14.50
N ASP A 156 -3.55 2.28 -14.35
CA ASP A 156 -2.33 1.50 -14.13
C ASP A 156 -2.17 1.32 -12.63
N TRP A 157 -2.65 0.19 -12.12
CA TRP A 157 -2.58 -0.12 -10.70
C TRP A 157 -1.44 -1.06 -10.34
N VAL A 158 -1.02 -1.00 -9.08
CA VAL A 158 0.03 -1.86 -8.57
C VAL A 158 -0.37 -2.19 -7.12
N PHE A 159 -0.48 -3.47 -6.82
CA PHE A 159 -0.84 -3.95 -5.48
C PHE A 159 0.48 -4.47 -4.88
N PHE A 160 0.96 -3.83 -3.82
CA PHE A 160 2.23 -4.23 -3.21
C PHE A 160 2.05 -5.07 -1.94
N SER A 161 2.17 -6.39 -2.10
CA SER A 161 2.02 -7.33 -0.99
C SER A 161 3.27 -7.38 -0.10
N PRO A 162 3.16 -6.93 1.16
CA PRO A 162 4.31 -6.96 2.06
C PRO A 162 4.57 -8.40 2.50
N ALA A 163 5.65 -8.63 3.25
CA ALA A 163 5.96 -9.96 3.77
C ALA A 163 4.93 -10.29 4.86
N ALA A 164 4.77 -11.57 5.19
CA ALA A 164 3.79 -11.98 6.20
C ALA A 164 3.92 -11.27 7.54
N ASP A 165 5.15 -10.93 7.94
CA ASP A 165 5.40 -10.26 9.20
C ASP A 165 6.15 -8.93 8.98
N ARG A 167 7.03 -5.13 10.58
CA ARG A 167 7.10 -4.31 11.79
C ARG A 167 8.16 -3.23 11.63
N PRO A 168 8.16 -2.24 12.55
CA PRO A 168 9.18 -1.20 12.45
C PRO A 168 10.55 -1.86 12.61
N GLY A 169 11.52 -1.40 11.84
CA GLY A 169 12.86 -1.98 11.91
C GLY A 169 13.87 -1.00 11.38
N VAL A 170 14.78 -1.49 10.55
CA VAL A 170 15.81 -0.64 9.97
C VAL A 170 15.59 -0.53 8.46
N ARG A 171 16.02 0.60 7.89
CA ARG A 171 15.95 0.83 6.45
C ARG A 171 17.29 0.31 5.94
N THR A 172 17.35 -0.97 5.59
CA THR A 172 18.59 -1.58 5.12
C THR A 172 18.86 -1.33 3.64
N GLY A 173 17.81 -1.29 2.84
CA GLY A 173 17.98 -1.09 1.42
C GLY A 173 18.29 -2.40 0.74
N ARG A 174 18.36 -3.48 1.52
CA ARG A 174 18.65 -4.80 0.97
C ARG A 174 17.53 -5.80 1.21
N TYR A 175 16.98 -6.34 0.12
CA TYR A 175 15.89 -7.31 0.19
C TYR A 175 15.63 -7.89 -1.20
N ARG A 176 14.80 -8.91 -1.23
CA ARG A 176 14.42 -9.57 -2.47
C ARG A 176 13.03 -9.09 -2.93
N LEU A 177 12.88 -8.86 -4.24
CA LEU A 177 11.60 -8.44 -4.80
C LEU A 177 11.07 -9.62 -5.57
N GLY A 178 9.82 -9.98 -5.31
CA GLY A 178 9.23 -11.12 -6.00
C GLY A 178 7.95 -10.74 -6.70
N LYS A 179 7.23 -11.76 -7.17
CA LYS A 179 5.98 -11.54 -7.87
C LYS A 179 4.79 -12.06 -7.05
N ASP A 180 4.43 -13.33 -7.23
CA ASP A 180 3.30 -13.89 -6.50
C ASP A 180 3.59 -14.89 -5.38
N ASP A 181 4.85 -15.33 -5.28
CA ASP A 181 5.20 -16.29 -4.23
C ASP A 181 5.75 -15.58 -3.01
N ILE A 183 8.01 -14.52 -0.05
CA ILE A 183 9.46 -14.53 0.10
C ILE A 183 9.86 -14.92 1.53
N VAL A 184 10.65 -15.99 1.66
CA VAL A 184 11.08 -16.43 2.98
C VAL A 184 12.60 -16.46 3.09
N ASP A 185 13.09 -16.36 4.32
CA ASP A 185 14.53 -16.39 4.56
C ASP A 185 14.98 -17.85 4.75
N ILE A 186 16.25 -18.03 5.08
CA ILE A 186 16.83 -19.36 5.29
C ILE A 186 16.11 -20.16 6.36
N VAL A 187 15.59 -19.47 7.37
CA VAL A 187 14.90 -20.14 8.47
C VAL A 187 13.45 -20.48 8.11
N GLY A 188 12.95 -19.90 7.02
CA GLY A 188 11.59 -20.17 6.61
C GLY A 188 10.59 -19.07 6.99
N ASN A 189 11.10 -17.98 7.56
CA ASN A 189 10.21 -16.88 7.94
C ASN A 189 10.15 -15.77 6.89
N SER A 190 8.95 -15.24 6.72
CA SER A 190 8.70 -14.16 5.77
C SER A 190 8.56 -12.85 6.52
N HIS A 191 9.56 -11.97 6.40
CA HIS A 191 9.50 -10.70 7.08
C HIS A 191 10.15 -9.54 6.32
N ILE A 192 9.80 -8.33 6.73
CA ILE A 192 10.33 -7.11 6.15
C ILE A 192 10.08 -5.96 7.12
N SER A 193 10.94 -4.95 7.09
CA SER A 193 10.74 -3.80 7.96
C SER A 193 9.78 -2.84 7.26
N VAL A 194 9.08 -2.05 8.06
CA VAL A 194 8.15 -1.05 7.53
C VAL A 194 8.93 -0.02 6.73
N GLU A 195 10.12 0.33 7.21
CA GLU A 195 10.95 1.31 6.52
C GLU A 195 11.42 0.80 5.15
N ASP A 196 11.86 -0.47 5.07
CA ASP A 196 12.30 -1.00 3.78
C ASP A 196 11.13 -1.18 2.81
N TYR A 197 9.95 -1.48 3.34
CA TYR A 197 8.77 -1.63 2.50
C TYR A 197 8.42 -0.28 1.87
N ALA A 198 8.57 0.79 2.65
CA ALA A 198 8.27 2.12 2.14
C ALA A 198 9.29 2.55 1.08
N ALA A 199 10.55 2.26 1.33
CA ALA A 199 11.60 2.63 0.38
C ALA A 199 11.33 1.98 -0.97
N ALA A 200 10.87 0.74 -0.94
CA ALA A 200 10.58 0.01 -2.18
C ALA A 200 9.37 0.61 -2.91
N ILE A 202 8.27 3.73 -2.83
CA ILE A 202 8.61 4.99 -3.49
C ILE A 202 9.53 4.75 -4.70
N ASP A 203 10.31 3.67 -4.66
CA ASP A 203 11.17 3.31 -5.79
C ASP A 203 10.27 2.97 -7.00
N GLU A 204 9.16 2.26 -6.74
CA GLU A 204 8.22 1.87 -7.80
C GLU A 204 7.51 3.11 -8.34
N LEU A 205 7.27 4.08 -7.45
CA LEU A 205 6.62 5.32 -7.81
C LEU A 205 7.55 6.16 -8.69
N GLU A 206 8.80 6.30 -8.26
CA GLU A 206 9.78 7.10 -8.98
C GLU A 206 10.28 6.47 -10.29
N HIS A 207 10.54 5.16 -10.28
CA HIS A 207 10.99 4.44 -11.47
C HIS A 207 10.14 3.20 -11.69
N PRO A 208 8.98 3.36 -12.34
CA PRO A 208 8.05 2.27 -12.62
C PRO A 208 8.62 1.01 -13.28
N LYS A 209 8.38 -0.13 -12.64
CA LYS A 209 8.82 -1.43 -13.15
C LYS A 209 7.62 -2.37 -13.27
N HIS A 210 6.52 -1.99 -12.62
CA HIS A 210 5.32 -2.82 -12.64
C HIS A 210 4.07 -2.10 -13.15
N HIS A 211 3.22 -2.84 -13.84
CA HIS A 211 1.99 -2.29 -14.39
C HIS A 211 0.80 -3.24 -14.30
N GLN A 212 -0.28 -2.77 -13.71
CA GLN A 212 -1.50 -3.55 -13.56
C GLN A 212 -1.18 -4.94 -13.02
N GLU A 213 -0.49 -4.99 -11.88
CA GLU A 213 -0.14 -6.27 -11.28
C GLU A 213 0.32 -6.14 -9.82
N ARG A 214 0.52 -7.30 -9.20
CA ARG A 214 0.97 -7.34 -7.82
C ARG A 214 2.42 -7.78 -7.78
N PHE A 215 3.15 -7.27 -6.78
CA PHE A 215 4.53 -7.72 -6.57
C PHE A 215 4.73 -7.79 -5.06
N THR A 216 5.82 -8.41 -4.62
CA THR A 216 6.05 -8.58 -3.20
C THR A 216 7.51 -8.39 -2.78
N ILE A 217 7.74 -8.46 -1.47
CA ILE A 217 9.07 -8.23 -0.92
C ILE A 217 9.33 -9.10 0.31
N GLY A 218 10.60 -9.26 0.65
CA GLY A 218 10.96 -10.05 1.81
C GLY A 218 12.47 -10.15 2.01
N TYR A 219 12.90 -10.33 3.26
CA TYR A 219 14.33 -10.47 3.53
C TYR A 219 14.80 -11.89 3.21
N LEU A 220 16.09 -12.02 2.86
CA LEU A 220 16.67 -13.31 2.55
C LEU A 220 17.54 -13.75 3.74
N GLU A 221 18.22 -12.79 4.37
CA GLU A 221 19.08 -13.09 5.51
C GLU A 221 18.26 -13.20 6.80
N HIS A 222 18.82 -13.87 7.80
CA HIS A 222 18.14 -14.04 9.07
C HIS A 222 18.84 -13.36 10.24
N HIS A 223 18.08 -12.60 11.02
CA HIS A 223 18.61 -11.91 12.19
C HIS A 223 19.02 -12.94 13.24
N HIS A 224 19.93 -12.56 14.13
CA HIS A 224 20.37 -13.47 15.20
C HIS A 224 19.97 -12.96 16.57
#